data_2D07
#
_entry.id   2D07
#
_cell.length_a   106.481
_cell.length_b   75.931
_cell.length_c   50.527
_cell.angle_alpha   90.00
_cell.angle_beta   114.98
_cell.angle_gamma   90.00
#
_symmetry.space_group_name_H-M   'C 1 2 1'
#
loop_
_entity.id
_entity.type
_entity.pdbx_description
1 polymer 'G/T mismatch-specific thymine DNA glycosylase'
2 polymer 'Ubiquitin-like protein SMT3B'
3 water water
#
loop_
_entity_poly.entity_id
_entity_poly.type
_entity_poly.pdbx_seq_one_letter_code
_entity_poly.pdbx_strand_id
1 'polypeptide(L)'
;GSNGVSEAELLTKTLPDILTFNLDIVIIGINPGLMAAYKGHHYPGPGNHFWKCLFMSGLSEVQLNHMDDHTLPGKYGIGF
TNMVERTTPGSKDLSSKEFREGGRILVQKLQKYQPRIAVFNGKCIYEIFSKEVFGVKVKNLEFGLQPHKIPDTETLCYVM
PSSSARCAQFPRAQDKVHYYIKLKDLRDQLKGIERNMDVQEVQYTFDLQLAQEDAKKMAVKEEKYDPGYE
;
A
2 'polypeptide(L)'
;MADEKPKEGVKTENNDHINLKVAGQDGSVVQFKIKRHTPLSKLMKAYCERQGLSMRQIRFRFDGQPINETDTPAQLEMED
EDTIDVFQQQTGG
;
B
#
# COMPACT_ATOMS: atom_id res chain seq x y z
N GLY A 4 -15.35 -35.02 21.84
CA GLY A 4 -16.31 -36.10 22.22
C GLY A 4 -17.66 -35.96 21.55
N VAL A 5 -18.73 -36.04 22.34
CA VAL A 5 -20.08 -35.92 21.83
C VAL A 5 -20.19 -34.72 20.88
N SER A 6 -20.41 -34.99 19.60
CA SER A 6 -20.57 -33.96 18.57
C SER A 6 -19.32 -33.60 17.77
N GLU A 7 -19.33 -33.98 16.50
CA GLU A 7 -18.24 -33.72 15.58
C GLU A 7 -18.86 -33.04 14.37
N ALA A 8 -18.80 -31.71 14.35
CA ALA A 8 -19.40 -30.94 13.27
C ALA A 8 -18.48 -29.88 12.70
N GLU A 9 -17.18 -29.96 13.02
CA GLU A 9 -16.24 -28.98 12.51
C GLU A 9 -16.20 -29.03 10.98
N LEU A 10 -16.62 -27.95 10.36
CA LEU A 10 -16.63 -27.87 8.91
C LEU A 10 -15.33 -27.26 8.38
N LEU A 11 -15.03 -27.51 7.11
CA LEU A 11 -13.81 -26.99 6.51
C LEU A 11 -13.94 -25.53 6.11
N THR A 12 -15.01 -25.21 5.38
CA THR A 12 -15.24 -23.84 4.94
C THR A 12 -15.46 -22.98 6.17
N LYS A 13 -14.88 -21.78 6.14
CA LYS A 13 -15.01 -20.86 7.26
C LYS A 13 -15.06 -19.46 6.69
N THR A 14 -15.79 -18.56 7.35
CA THR A 14 -15.91 -17.19 6.88
C THR A 14 -15.26 -16.17 7.78
N LEU A 15 -14.44 -15.31 7.20
CA LEU A 15 -13.77 -14.25 7.95
C LEU A 15 -14.71 -13.05 7.94
N PRO A 16 -15.22 -12.66 9.10
CA PRO A 16 -16.13 -11.52 9.19
C PRO A 16 -15.51 -10.22 8.69
N ASP A 17 -16.32 -9.40 8.03
CA ASP A 17 -15.86 -8.10 7.54
C ASP A 17 -15.59 -7.25 8.77
N ILE A 18 -14.83 -6.17 8.58
CA ILE A 18 -14.56 -5.21 9.65
C ILE A 18 -15.00 -3.90 9.02
N LEU A 19 -16.29 -3.61 9.17
CA LEU A 19 -16.90 -2.41 8.60
C LEU A 19 -17.75 -1.64 9.59
N THR A 20 -17.68 -0.32 9.51
CA THR A 20 -18.48 0.56 10.35
C THR A 20 -18.78 1.76 9.46
N PHE A 21 -19.65 2.65 9.94
CA PHE A 21 -19.98 3.83 9.16
C PHE A 21 -18.92 4.91 9.36
N ASN A 22 -18.82 5.82 8.40
CA ASN A 22 -17.87 6.92 8.48
C ASN A 22 -16.38 6.54 8.42
N LEU A 23 -16.04 5.45 7.76
CA LEU A 23 -14.64 5.05 7.64
C LEU A 23 -13.98 5.86 6.53
N ASP A 24 -12.69 6.13 6.68
CA ASP A 24 -11.97 6.85 5.63
C ASP A 24 -11.63 5.89 4.51
N ILE A 25 -11.21 4.69 4.88
CA ILE A 25 -10.77 3.67 3.94
C ILE A 25 -11.33 2.28 4.21
N VAL A 26 -11.60 1.54 3.14
CA VAL A 26 -12.05 0.17 3.25
C VAL A 26 -11.21 -0.60 2.24
N ILE A 27 -10.44 -1.56 2.74
CA ILE A 27 -9.58 -2.39 1.92
C ILE A 27 -10.43 -3.54 1.39
N ILE A 28 -10.53 -3.66 0.07
CA ILE A 28 -11.33 -4.71 -0.56
C ILE A 28 -10.51 -5.76 -1.29
N GLY A 29 -10.70 -7.01 -0.91
CA GLY A 29 -9.99 -8.10 -1.57
C GLY A 29 -10.96 -9.00 -2.31
N ILE A 30 -10.45 -9.97 -3.05
CA ILE A 30 -11.32 -10.88 -3.78
C ILE A 30 -11.96 -11.87 -2.83
N ASN A 31 -11.13 -12.51 -2.01
CA ASN A 31 -11.62 -13.52 -1.07
C ASN A 31 -10.52 -13.76 -0.02
N PRO A 32 -10.89 -13.90 1.25
CA PRO A 32 -9.91 -14.14 2.31
C PRO A 32 -9.24 -15.51 2.16
N GLY A 33 -7.94 -15.57 2.43
CA GLY A 33 -7.23 -16.84 2.34
C GLY A 33 -7.69 -17.82 3.41
N LEU A 34 -7.27 -19.07 3.32
CA LEU A 34 -7.70 -20.06 4.30
C LEU A 34 -7.20 -19.75 5.70
N MET A 35 -5.93 -19.39 5.83
CA MET A 35 -5.38 -19.07 7.14
C MET A 35 -5.99 -17.80 7.73
N ALA A 36 -6.32 -16.85 6.86
CA ALA A 36 -6.93 -15.61 7.34
C ALA A 36 -8.26 -15.96 7.99
N ALA A 37 -9.01 -16.86 7.37
CA ALA A 37 -10.32 -17.26 7.91
C ALA A 37 -10.15 -18.05 9.21
N TYR A 38 -9.23 -19.00 9.21
CA TYR A 38 -8.99 -19.82 10.40
C TYR A 38 -8.34 -19.05 11.55
N LYS A 39 -7.45 -18.11 11.24
CA LYS A 39 -6.82 -17.30 12.28
C LYS A 39 -7.82 -16.25 12.78
N GLY A 40 -8.77 -15.90 11.92
CA GLY A 40 -9.78 -14.91 12.26
C GLY A 40 -9.31 -13.46 12.13
N HIS A 41 -8.31 -13.23 11.30
CA HIS A 41 -7.78 -11.89 11.11
C HIS A 41 -7.44 -11.66 9.64
N HIS A 42 -7.42 -10.39 9.23
CA HIS A 42 -7.15 -10.04 7.85
C HIS A 42 -5.66 -9.92 7.51
N TYR A 43 -5.31 -10.47 6.35
CA TYR A 43 -3.95 -10.46 5.81
C TYR A 43 -2.87 -10.97 6.76
N PRO A 44 -3.02 -12.22 7.24
CA PRO A 44 -2.02 -12.79 8.15
C PRO A 44 -0.76 -13.08 7.36
N GLY A 45 0.38 -13.11 8.04
CA GLY A 45 1.62 -13.39 7.34
C GLY A 45 1.92 -14.87 7.40
N PRO A 46 2.92 -15.36 6.63
CA PRO A 46 3.73 -14.57 5.72
C PRO A 46 3.13 -14.65 4.33
N GLY A 47 3.78 -14.04 3.35
CA GLY A 47 3.26 -14.09 1.99
C GLY A 47 2.38 -12.93 1.55
N ASN A 48 2.24 -11.92 2.41
CA ASN A 48 1.44 -10.75 2.07
C ASN A 48 2.20 -9.52 2.56
N HIS A 49 2.06 -8.42 1.83
CA HIS A 49 2.77 -7.18 2.15
C HIS A 49 1.88 -6.10 2.76
N PHE A 50 0.60 -6.38 2.99
CA PHE A 50 -0.30 -5.36 3.52
C PHE A 50 0.17 -4.63 4.78
N TRP A 51 0.35 -5.37 5.89
CA TRP A 51 0.77 -4.74 7.15
C TRP A 51 2.11 -4.04 7.10
N LYS A 52 3.05 -4.57 6.32
CA LYS A 52 4.36 -3.96 6.18
C LYS A 52 4.21 -2.65 5.41
N CYS A 53 3.45 -2.69 4.33
CA CYS A 53 3.22 -1.52 3.52
C CYS A 53 2.49 -0.45 4.33
N LEU A 54 1.55 -0.88 5.16
CA LEU A 54 0.80 0.06 5.99
C LEU A 54 1.77 0.88 6.86
N PHE A 55 2.80 0.22 7.39
CA PHE A 55 3.79 0.91 8.22
C PHE A 55 4.84 1.70 7.43
N MET A 56 5.40 1.11 6.38
CA MET A 56 6.40 1.83 5.61
C MET A 56 5.86 3.06 4.90
N SER A 57 4.54 3.14 4.75
CA SER A 57 3.90 4.28 4.10
C SER A 57 3.54 5.37 5.10
N GLY A 58 3.58 5.03 6.38
CA GLY A 58 3.24 6.00 7.40
C GLY A 58 1.75 6.02 7.71
N LEU A 59 1.00 5.04 7.21
CA LEU A 59 -0.43 4.98 7.47
C LEU A 59 -0.67 4.46 8.89
N SER A 60 0.32 3.75 9.43
CA SER A 60 0.24 3.27 10.80
C SER A 60 1.47 3.83 11.49
N GLU A 61 1.32 4.20 12.75
CA GLU A 61 2.36 4.79 13.59
C GLU A 61 3.48 3.81 13.92
N VAL A 62 3.11 2.56 14.15
CA VAL A 62 4.05 1.50 14.46
C VAL A 62 3.77 0.32 13.54
N GLN A 63 4.64 -0.68 13.58
CA GLN A 63 4.46 -1.86 12.75
C GLN A 63 3.34 -2.69 13.38
N LEU A 64 2.20 -2.78 12.69
CA LEU A 64 1.09 -3.57 13.21
C LEU A 64 1.07 -4.89 12.46
N ASN A 65 0.18 -5.81 12.87
CA ASN A 65 0.05 -7.11 12.21
C ASN A 65 -1.42 -7.50 12.22
N HIS A 66 -1.74 -8.66 11.63
CA HIS A 66 -3.12 -9.11 11.55
C HIS A 66 -3.91 -9.10 12.85
N MET A 67 -3.24 -9.30 13.98
CA MET A 67 -3.91 -9.30 15.27
C MET A 67 -4.53 -7.95 15.61
N ASP A 68 -4.06 -6.89 14.95
CA ASP A 68 -4.56 -5.54 15.22
C ASP A 68 -5.69 -5.09 14.30
N ASP A 69 -6.15 -5.94 13.40
CA ASP A 69 -7.19 -5.53 12.47
C ASP A 69 -8.47 -4.94 13.06
N HIS A 70 -8.87 -5.40 14.24
CA HIS A 70 -10.10 -4.87 14.85
C HIS A 70 -9.96 -3.48 15.43
N THR A 71 -8.73 -3.01 15.60
CA THR A 71 -8.49 -1.68 16.14
C THR A 71 -8.39 -0.63 15.05
N LEU A 72 -8.29 -1.07 13.80
CA LEU A 72 -8.14 -0.14 12.69
C LEU A 72 -9.27 0.87 12.45
N PRO A 73 -10.54 0.43 12.54
CA PRO A 73 -11.59 1.43 12.31
C PRO A 73 -11.52 2.61 13.28
N GLY A 74 -11.40 2.28 14.57
CA GLY A 74 -11.33 3.31 15.59
C GLY A 74 -10.06 4.14 15.59
N LYS A 75 -8.90 3.48 15.54
CA LYS A 75 -7.64 4.20 15.59
C LYS A 75 -7.19 4.82 14.26
N TYR A 76 -7.45 4.13 13.16
CA TYR A 76 -7.01 4.59 11.85
C TYR A 76 -8.07 4.89 10.80
N GLY A 77 -9.35 4.65 11.12
CA GLY A 77 -10.39 4.90 10.14
C GLY A 77 -10.34 3.97 8.94
N ILE A 78 -9.79 2.78 9.13
CA ILE A 78 -9.66 1.77 8.07
C ILE A 78 -10.48 0.51 8.34
N GLY A 79 -11.12 -0.02 7.31
CA GLY A 79 -11.93 -1.22 7.46
C GLY A 79 -11.60 -2.24 6.38
N PHE A 80 -12.19 -3.44 6.49
CA PHE A 80 -11.94 -4.52 5.53
C PHE A 80 -13.20 -5.25 5.05
N THR A 81 -13.19 -5.66 3.78
CA THR A 81 -14.28 -6.44 3.19
C THR A 81 -13.73 -7.17 1.96
N ASN A 82 -14.54 -8.04 1.35
CA ASN A 82 -14.12 -8.81 0.18
C ASN A 82 -15.24 -9.06 -0.83
N MET A 83 -14.86 -9.39 -2.06
CA MET A 83 -15.82 -9.66 -3.12
C MET A 83 -16.61 -10.92 -2.77
N VAL A 84 -15.89 -11.99 -2.41
CA VAL A 84 -16.52 -13.26 -2.04
C VAL A 84 -16.30 -13.50 -0.54
N GLU A 85 -17.40 -13.64 0.19
CA GLU A 85 -17.39 -13.84 1.63
C GLU A 85 -16.85 -15.16 2.20
N ARG A 86 -17.22 -16.28 1.58
CA ARG A 86 -16.77 -17.58 2.06
C ARG A 86 -15.41 -18.03 1.58
N THR A 87 -14.64 -18.61 2.49
CA THR A 87 -13.31 -19.11 2.16
C THR A 87 -13.34 -20.64 2.16
N THR A 88 -13.11 -21.22 1.00
CA THR A 88 -13.11 -22.67 0.86
C THR A 88 -11.71 -23.15 0.48
N PRO A 89 -11.22 -24.22 1.14
CA PRO A 89 -9.89 -24.76 0.86
C PRO A 89 -9.67 -25.02 -0.63
N GLY A 90 -8.42 -24.83 -1.06
CA GLY A 90 -8.10 -25.06 -2.47
C GLY A 90 -8.92 -24.20 -3.40
N LEU A 94 -14.33 -19.54 -7.40
CA LEU A 94 -13.88 -18.75 -8.55
C LEU A 94 -14.97 -18.73 -9.62
N SER A 95 -16.17 -19.17 -9.25
CA SER A 95 -17.30 -19.20 -10.17
C SER A 95 -17.64 -17.81 -10.70
N SER A 96 -18.29 -17.78 -11.86
CA SER A 96 -18.69 -16.53 -12.49
C SER A 96 -19.91 -15.97 -11.73
N LYS A 97 -20.82 -16.86 -11.35
CA LYS A 97 -22.01 -16.47 -10.62
C LYS A 97 -21.61 -15.86 -9.28
N GLU A 98 -20.66 -16.49 -8.61
CA GLU A 98 -20.19 -16.01 -7.31
C GLU A 98 -19.74 -14.56 -7.44
N PHE A 99 -18.98 -14.28 -8.49
CA PHE A 99 -18.50 -12.92 -8.71
C PHE A 99 -19.69 -12.00 -9.02
N ARG A 100 -20.70 -12.55 -9.68
CA ARG A 100 -21.88 -11.77 -10.02
C ARG A 100 -22.66 -11.43 -8.76
N GLU A 101 -23.03 -12.46 -8.02
CA GLU A 101 -23.77 -12.27 -6.77
C GLU A 101 -22.87 -11.56 -5.77
N GLY A 102 -21.57 -11.81 -5.87
CA GLY A 102 -20.62 -11.19 -4.95
C GLY A 102 -20.56 -9.69 -5.14
N GLY A 103 -20.50 -9.26 -6.39
CA GLY A 103 -20.44 -7.85 -6.70
C GLY A 103 -21.67 -7.11 -6.18
N ARG A 104 -22.84 -7.71 -6.36
CA ARG A 104 -24.09 -7.09 -5.90
C ARG A 104 -24.05 -6.87 -4.40
N ILE A 105 -23.63 -7.89 -3.67
CA ILE A 105 -23.55 -7.79 -2.22
C ILE A 105 -22.49 -6.77 -1.82
N LEU A 106 -21.35 -6.78 -2.52
CA LEU A 106 -20.28 -5.84 -2.21
C LEU A 106 -20.76 -4.40 -2.38
N VAL A 107 -21.29 -4.09 -3.57
CA VAL A 107 -21.79 -2.74 -3.83
C VAL A 107 -22.80 -2.35 -2.76
N GLN A 108 -23.63 -3.31 -2.36
CA GLN A 108 -24.64 -3.05 -1.35
C GLN A 108 -24.03 -2.67 0.00
N LYS A 109 -22.92 -3.33 0.37
CA LYS A 109 -22.26 -3.01 1.63
C LYS A 109 -21.66 -1.61 1.53
N LEU A 110 -21.07 -1.30 0.38
CA LEU A 110 -20.46 0.01 0.16
C LEU A 110 -21.53 1.10 0.16
N GLN A 111 -22.65 0.83 -0.51
CA GLN A 111 -23.73 1.81 -0.54
C GLN A 111 -24.30 2.00 0.86
N LYS A 112 -24.11 1.01 1.72
CA LYS A 112 -24.59 1.13 3.09
C LYS A 112 -23.63 1.89 3.99
N TYR A 113 -22.40 1.41 4.10
CA TYR A 113 -21.41 2.06 4.97
C TYR A 113 -20.76 3.31 4.39
N GLN A 114 -20.77 3.43 3.06
CA GLN A 114 -20.20 4.57 2.37
C GLN A 114 -18.90 5.15 2.93
N PRO A 115 -17.80 4.39 2.80
CA PRO A 115 -16.50 4.87 3.29
C PRO A 115 -16.06 5.99 2.34
N ARG A 116 -15.11 6.83 2.75
CA ARG A 116 -14.65 7.90 1.88
C ARG A 116 -13.94 7.32 0.66
N ILE A 117 -13.18 6.25 0.87
CA ILE A 117 -12.43 5.65 -0.22
C ILE A 117 -12.52 4.13 -0.27
N ALA A 118 -12.86 3.60 -1.44
CA ALA A 118 -12.91 2.15 -1.63
C ALA A 118 -11.57 1.79 -2.25
N VAL A 119 -10.73 1.09 -1.49
CA VAL A 119 -9.41 0.70 -1.97
C VAL A 119 -9.42 -0.73 -2.45
N PHE A 120 -9.21 -0.91 -3.76
CA PHE A 120 -9.19 -2.23 -4.35
C PHE A 120 -7.79 -2.82 -4.30
N ASN A 121 -7.68 -3.94 -3.59
CA ASN A 121 -6.40 -4.62 -3.42
C ASN A 121 -6.13 -5.51 -4.62
N GLY A 122 -5.57 -4.93 -5.67
CA GLY A 122 -5.28 -5.67 -6.87
C GLY A 122 -6.12 -5.26 -8.06
N LYS A 123 -5.51 -5.26 -9.24
CA LYS A 123 -6.23 -4.88 -10.46
C LYS A 123 -7.39 -5.85 -10.73
N CYS A 124 -7.12 -7.15 -10.53
CA CYS A 124 -8.13 -8.18 -10.76
C CYS A 124 -9.47 -7.90 -10.08
N ILE A 125 -9.45 -7.66 -8.78
CA ILE A 125 -10.68 -7.38 -8.06
C ILE A 125 -11.41 -6.18 -8.66
N TYR A 126 -10.67 -5.13 -9.04
CA TYR A 126 -11.32 -3.96 -9.61
C TYR A 126 -11.86 -4.24 -11.01
N GLU A 127 -11.10 -5.00 -11.79
CA GLU A 127 -11.53 -5.35 -13.16
C GLU A 127 -12.85 -6.10 -13.12
N ILE A 128 -13.00 -6.99 -12.14
CA ILE A 128 -14.23 -7.77 -12.00
C ILE A 128 -15.34 -6.83 -11.58
N PHE A 129 -15.07 -6.05 -10.52
CA PHE A 129 -16.04 -5.10 -9.98
C PHE A 129 -16.49 -4.06 -11.01
N SER A 130 -15.54 -3.56 -11.80
CA SER A 130 -15.82 -2.53 -12.80
C SER A 130 -16.80 -3.01 -13.88
N LYS A 131 -16.60 -4.23 -14.35
CA LYS A 131 -17.45 -4.80 -15.39
C LYS A 131 -18.85 -5.11 -14.87
N GLU A 132 -18.93 -5.60 -13.64
CA GLU A 132 -20.21 -5.96 -13.05
C GLU A 132 -21.04 -4.77 -12.57
N VAL A 133 -20.36 -3.74 -12.07
CA VAL A 133 -21.07 -2.57 -11.55
C VAL A 133 -21.17 -1.44 -12.56
N PHE A 134 -20.07 -1.14 -13.23
CA PHE A 134 -20.05 -0.06 -14.21
C PHE A 134 -20.30 -0.59 -15.62
N GLY A 135 -20.22 -1.91 -15.76
CA GLY A 135 -20.42 -2.52 -17.06
C GLY A 135 -19.18 -2.44 -17.92
N VAL A 136 -18.45 -1.34 -17.78
CA VAL A 136 -17.23 -1.10 -18.53
C VAL A 136 -16.23 -2.26 -18.38
N LYS A 137 -15.46 -2.50 -19.43
CA LYS A 137 -14.47 -3.56 -19.44
C LYS A 137 -13.09 -3.02 -19.04
N VAL A 138 -13.03 -1.73 -18.79
CA VAL A 138 -11.77 -1.08 -18.39
C VAL A 138 -10.63 -1.34 -19.37
N LYS A 139 -10.32 -0.34 -20.20
CA LYS A 139 -9.24 -0.47 -21.17
C LYS A 139 -8.02 0.27 -20.65
N ASN A 140 -6.90 -0.43 -20.53
CA ASN A 140 -5.67 0.17 -20.04
C ASN A 140 -5.92 0.79 -18.66
N LEU A 141 -6.14 -0.08 -17.67
CA LEU A 141 -6.41 0.36 -16.30
C LEU A 141 -5.13 0.91 -15.66
N GLU A 142 -5.26 2.04 -14.96
CA GLU A 142 -4.12 2.64 -14.28
C GLU A 142 -4.32 2.58 -12.78
N PHE A 143 -3.22 2.38 -12.04
CA PHE A 143 -3.28 2.32 -10.59
C PHE A 143 -3.56 3.71 -10.04
N GLY A 144 -4.21 3.75 -8.88
CA GLY A 144 -4.53 5.03 -8.29
C GLY A 144 -6.02 5.32 -8.32
N LEU A 145 -6.35 6.61 -8.26
CA LEU A 145 -7.74 7.05 -8.26
C LEU A 145 -8.40 6.77 -9.62
N GLN A 146 -9.62 6.25 -9.60
CA GLN A 146 -10.35 5.93 -10.83
C GLN A 146 -11.45 6.96 -11.13
N PRO A 147 -11.86 7.09 -12.40
CA PRO A 147 -12.91 8.04 -12.81
C PRO A 147 -14.33 7.57 -12.52
N HIS A 148 -14.53 6.93 -11.37
CA HIS A 148 -15.83 6.44 -10.99
C HIS A 148 -16.00 6.49 -9.48
N LYS A 149 -17.23 6.71 -9.03
CA LYS A 149 -17.54 6.71 -7.61
C LYS A 149 -18.47 5.51 -7.47
N ILE A 150 -18.61 4.98 -6.27
CA ILE A 150 -19.50 3.86 -6.09
C ILE A 150 -20.91 4.42 -6.35
N PRO A 151 -21.67 3.76 -7.23
CA PRO A 151 -23.03 4.23 -7.55
C PRO A 151 -23.83 4.62 -6.30
N ASP A 152 -24.53 5.75 -6.40
CA ASP A 152 -25.37 6.22 -5.30
C ASP A 152 -24.59 6.65 -4.06
N THR A 153 -23.30 6.96 -4.22
CA THR A 153 -22.47 7.39 -3.10
C THR A 153 -21.42 8.40 -3.56
N GLU A 154 -20.67 8.93 -2.59
CA GLU A 154 -19.58 9.87 -2.87
C GLU A 154 -18.25 9.13 -2.67
N THR A 155 -18.35 7.81 -2.52
CA THR A 155 -17.19 6.94 -2.31
C THR A 155 -16.29 6.85 -3.53
N LEU A 156 -15.01 7.18 -3.33
CA LEU A 156 -14.04 7.13 -4.42
C LEU A 156 -13.49 5.71 -4.59
N CYS A 157 -12.97 5.41 -5.77
CA CYS A 157 -12.38 4.10 -6.04
C CYS A 157 -10.89 4.27 -6.25
N TYR A 158 -10.09 3.59 -5.44
CA TYR A 158 -8.64 3.68 -5.53
C TYR A 158 -8.09 2.27 -5.73
N VAL A 159 -7.23 2.09 -6.73
CA VAL A 159 -6.67 0.77 -7.03
C VAL A 159 -5.16 0.69 -6.82
N MET A 160 -4.71 -0.36 -6.15
CA MET A 160 -3.29 -0.55 -5.92
C MET A 160 -2.95 -1.99 -6.25
N PRO A 161 -1.67 -2.28 -6.56
CA PRO A 161 -1.33 -3.66 -6.88
C PRO A 161 -1.66 -4.58 -5.70
N SER A 162 -1.90 -5.85 -6.01
CA SER A 162 -2.22 -6.83 -4.99
C SER A 162 -1.16 -6.88 -3.88
N SER A 163 -1.61 -6.89 -2.63
CA SER A 163 -0.66 -6.95 -1.51
C SER A 163 -0.04 -8.35 -1.35
N SER A 164 -0.59 -9.34 -2.05
CA SER A 164 -0.06 -10.71 -1.95
C SER A 164 1.36 -10.80 -2.51
N ALA A 165 2.20 -11.58 -1.83
CA ALA A 165 3.58 -11.75 -2.28
C ALA A 165 3.58 -12.42 -3.66
N ARG A 166 2.48 -13.10 -3.97
CA ARG A 166 2.34 -13.77 -5.25
C ARG A 166 2.29 -12.77 -6.41
N CYS A 167 1.98 -11.51 -6.12
CA CYS A 167 1.92 -10.50 -7.19
C CYS A 167 3.28 -10.47 -7.90
N ALA A 168 3.28 -10.77 -9.20
CA ALA A 168 4.52 -10.81 -9.97
C ALA A 168 5.00 -9.47 -10.53
N GLN A 169 4.08 -8.57 -10.82
CA GLN A 169 4.47 -7.28 -11.38
C GLN A 169 5.23 -6.40 -10.39
N PHE A 170 4.93 -6.55 -9.10
CA PHE A 170 5.57 -5.79 -8.02
C PHE A 170 6.00 -6.82 -6.98
N PRO A 171 7.19 -7.40 -7.16
CA PRO A 171 7.73 -8.42 -6.27
C PRO A 171 7.97 -8.09 -4.80
N ARG A 172 8.31 -6.84 -4.49
CA ARG A 172 8.59 -6.49 -3.10
C ARG A 172 7.62 -5.48 -2.50
N ALA A 173 7.47 -5.52 -1.17
CA ALA A 173 6.59 -4.58 -0.48
C ALA A 173 7.03 -3.17 -0.87
N GLN A 174 8.34 -2.94 -0.94
CA GLN A 174 8.84 -1.62 -1.29
C GLN A 174 8.33 -1.16 -2.66
N ASP A 175 8.03 -2.12 -3.54
CA ASP A 175 7.54 -1.77 -4.87
C ASP A 175 6.06 -1.37 -4.87
N LYS A 176 5.39 -1.55 -3.74
CA LYS A 176 3.97 -1.21 -3.60
C LYS A 176 3.70 -0.02 -2.68
N VAL A 177 4.66 0.29 -1.82
CA VAL A 177 4.54 1.38 -0.85
C VAL A 177 4.11 2.73 -1.41
N HIS A 178 4.61 3.09 -2.59
CA HIS A 178 4.25 4.38 -3.17
C HIS A 178 2.73 4.57 -3.29
N TYR A 179 2.00 3.50 -3.56
CA TYR A 179 0.55 3.59 -3.69
C TYR A 179 -0.11 3.82 -2.34
N TYR A 180 0.48 3.27 -1.29
CA TYR A 180 -0.05 3.48 0.06
C TYR A 180 0.23 4.92 0.47
N ILE A 181 1.37 5.45 0.06
CA ILE A 181 1.72 6.83 0.40
C ILE A 181 0.73 7.78 -0.27
N LYS A 182 0.45 7.55 -1.54
CA LYS A 182 -0.50 8.41 -2.24
C LYS A 182 -1.90 8.27 -1.66
N LEU A 183 -2.22 7.08 -1.13
CA LEU A 183 -3.53 6.85 -0.50
C LEU A 183 -3.59 7.69 0.77
N LYS A 184 -2.47 7.72 1.50
CA LYS A 184 -2.39 8.50 2.73
C LYS A 184 -2.62 9.96 2.36
N ASP A 185 -1.97 10.41 1.28
CA ASP A 185 -2.13 11.78 0.81
C ASP A 185 -3.61 12.08 0.52
N LEU A 186 -4.23 11.21 -0.26
CA LEU A 186 -5.64 11.39 -0.61
C LEU A 186 -6.47 11.47 0.66
N ARG A 187 -6.25 10.52 1.56
CA ARG A 187 -6.98 10.46 2.83
C ARG A 187 -6.83 11.80 3.57
N ASP A 188 -5.60 12.28 3.68
CA ASP A 188 -5.33 13.56 4.35
C ASP A 188 -6.10 14.72 3.71
N GLN A 189 -6.01 14.84 2.40
CA GLN A 189 -6.69 15.92 1.70
C GLN A 189 -8.21 15.90 1.90
N LEU A 190 -8.78 14.71 1.93
CA LEU A 190 -10.22 14.55 2.12
C LEU A 190 -10.70 15.01 3.49
N LYS A 191 -9.90 14.75 4.52
CA LYS A 191 -10.25 15.12 5.88
C LYS A 191 -9.76 16.53 6.25
N GLY A 192 -8.99 17.16 5.36
CA GLY A 192 -8.50 18.49 5.66
C GLY A 192 -7.30 18.46 6.59
N ILE A 193 -6.56 17.36 6.56
CA ILE A 193 -5.36 17.23 7.39
C ILE A 193 -4.21 17.83 6.58
N GLU A 194 -3.57 18.85 7.14
CA GLU A 194 -2.46 19.50 6.46
C GLU A 194 -1.14 18.90 6.89
N ARG A 195 -0.66 17.92 6.15
CA ARG A 195 0.61 17.27 6.47
C ARG A 195 1.73 18.22 6.04
N ASN A 196 2.96 17.89 6.45
CA ASN A 196 4.12 18.71 6.10
C ASN A 196 4.67 18.37 4.73
N MET A 197 4.86 19.39 3.90
CA MET A 197 5.37 19.22 2.54
C MET A 197 6.89 19.42 2.46
N ASP A 198 7.61 19.12 3.53
CA ASP A 198 9.07 19.28 3.54
C ASP A 198 9.72 18.25 2.63
N VAL A 199 9.37 16.98 2.82
CA VAL A 199 9.88 15.89 2.00
C VAL A 199 8.68 15.17 1.39
N GLN A 200 8.54 15.29 0.06
CA GLN A 200 7.43 14.65 -0.65
C GLN A 200 7.96 13.60 -1.61
N GLU A 201 7.40 12.39 -1.57
CA GLU A 201 7.84 11.35 -2.50
C GLU A 201 7.03 11.51 -3.78
N VAL A 202 7.71 12.00 -4.82
CA VAL A 202 7.11 12.29 -6.12
C VAL A 202 6.93 11.06 -7.00
N GLN A 203 7.91 10.17 -6.97
CA GLN A 203 7.84 9.00 -7.83
C GLN A 203 8.74 7.87 -7.33
N TYR A 204 8.39 6.66 -7.71
CA TYR A 204 9.16 5.47 -7.37
C TYR A 204 9.26 4.70 -8.67
N THR A 205 10.49 4.33 -9.04
CA THR A 205 10.76 3.59 -10.26
C THR A 205 11.61 2.38 -9.91
N PHE A 206 11.32 1.22 -10.51
CA PHE A 206 12.12 0.04 -10.23
C PHE A 206 12.34 -0.83 -11.46
N ASP A 207 13.39 -1.66 -11.39
CA ASP A 207 13.73 -2.57 -12.45
C ASP A 207 13.16 -3.93 -12.06
N LEU A 208 12.22 -4.43 -12.85
CA LEU A 208 11.56 -5.71 -12.54
C LEU A 208 12.49 -6.89 -12.27
N GLN A 209 13.40 -7.15 -13.20
CA GLN A 209 14.34 -8.26 -13.06
C GLN A 209 15.08 -8.24 -11.73
N LEU A 210 15.68 -7.10 -11.41
CA LEU A 210 16.42 -6.95 -10.17
C LEU A 210 15.49 -7.05 -8.97
N ALA A 211 14.26 -6.57 -9.14
CA ALA A 211 13.28 -6.59 -8.05
C ALA A 211 12.87 -8.02 -7.71
N GLN A 212 12.63 -8.84 -8.72
CA GLN A 212 12.24 -10.22 -8.45
C GLN A 212 13.40 -11.05 -7.92
N GLU A 213 14.61 -10.75 -8.39
CA GLU A 213 15.79 -11.47 -7.89
C GLU A 213 15.94 -11.13 -6.42
N ASP A 214 15.92 -9.82 -6.15
CA ASP A 214 16.05 -9.31 -4.80
C ASP A 214 14.95 -9.89 -3.91
N ALA A 215 13.77 -10.07 -4.49
CA ALA A 215 12.64 -10.62 -3.75
C ALA A 215 12.97 -12.04 -3.32
N LYS A 216 13.58 -12.81 -4.22
CA LYS A 216 13.96 -14.19 -3.95
C LYS A 216 14.98 -14.26 -2.83
N LYS A 217 16.06 -13.49 -2.96
CA LYS A 217 17.12 -13.47 -1.95
C LYS A 217 16.52 -13.20 -0.58
N MET A 218 15.69 -12.18 -0.49
CA MET A 218 15.04 -11.82 0.77
C MET A 218 14.25 -13.02 1.30
N ALA A 219 13.66 -13.77 0.39
CA ALA A 219 12.86 -14.93 0.74
C ALA A 219 13.67 -16.01 1.45
N VAL A 220 14.71 -16.51 0.78
CA VAL A 220 15.55 -17.56 1.37
C VAL A 220 16.08 -17.16 2.75
N LYS A 221 16.31 -15.87 2.95
CA LYS A 221 16.80 -15.39 4.23
C LYS A 221 15.67 -15.27 5.24
N ASN B 15 14.51 29.49 -0.51
CA ASN B 15 14.17 28.18 0.12
C ASN B 15 13.07 27.47 -0.67
N ASP B 16 13.21 27.47 -1.99
CA ASP B 16 12.24 26.82 -2.87
C ASP B 16 12.43 25.31 -2.83
N HIS B 17 11.56 24.60 -3.55
CA HIS B 17 11.60 23.14 -3.61
C HIS B 17 12.45 22.67 -4.79
N ILE B 18 13.08 21.51 -4.63
CA ILE B 18 13.86 20.91 -5.71
C ILE B 18 13.65 19.40 -5.61
N ASN B 19 13.84 18.71 -6.73
CA ASN B 19 13.67 17.26 -6.74
C ASN B 19 15.01 16.56 -6.66
N LEU B 20 15.09 15.56 -5.81
CA LEU B 20 16.31 14.79 -5.66
C LEU B 20 15.95 13.33 -5.79
N LYS B 21 16.78 12.60 -6.51
CA LYS B 21 16.54 11.18 -6.69
C LYS B 21 17.52 10.42 -5.80
N VAL B 22 17.07 9.27 -5.30
CA VAL B 22 17.91 8.44 -4.46
C VAL B 22 17.94 7.10 -5.17
N ALA B 23 19.11 6.75 -5.68
CA ALA B 23 19.28 5.50 -6.42
C ALA B 23 20.04 4.44 -5.64
N GLY B 24 19.41 3.28 -5.49
CA GLY B 24 20.04 2.18 -4.77
C GLY B 24 20.68 1.18 -5.71
N GLN B 25 21.24 0.11 -5.15
CA GLN B 25 21.90 -0.91 -5.95
C GLN B 25 20.92 -1.97 -6.43
N ASP B 26 19.64 -1.80 -6.12
CA ASP B 26 18.64 -2.77 -6.54
C ASP B 26 17.86 -2.29 -7.75
N GLY B 27 18.40 -1.28 -8.43
CA GLY B 27 17.77 -0.75 -9.62
C GLY B 27 16.63 0.23 -9.38
N SER B 28 16.26 0.43 -8.12
CA SER B 28 15.17 1.35 -7.80
C SER B 28 15.65 2.80 -7.70
N VAL B 29 14.75 3.72 -7.99
CA VAL B 29 15.04 5.15 -7.92
C VAL B 29 13.83 5.85 -7.30
N VAL B 30 14.04 6.49 -6.15
CA VAL B 30 12.96 7.21 -5.48
C VAL B 30 13.20 8.71 -5.63
N GLN B 31 12.19 9.42 -6.11
CA GLN B 31 12.29 10.86 -6.32
C GLN B 31 11.55 11.63 -5.23
N PHE B 32 12.25 12.55 -4.58
CA PHE B 32 11.68 13.36 -3.51
C PHE B 32 11.66 14.83 -3.88
N LYS B 33 10.74 15.57 -3.29
CA LYS B 33 10.65 17.01 -3.49
C LYS B 33 10.99 17.54 -2.10
N ILE B 34 11.97 18.44 -2.01
CA ILE B 34 12.40 18.95 -0.71
C ILE B 34 12.86 20.41 -0.77
N LYS B 35 12.67 21.14 0.33
CA LYS B 35 13.09 22.54 0.38
C LYS B 35 14.60 22.63 0.47
N ARG B 36 15.18 23.64 -0.16
CA ARG B 36 16.63 23.78 -0.15
C ARG B 36 17.30 23.87 1.21
N HIS B 37 16.58 24.33 2.23
CA HIS B 37 17.17 24.45 3.57
C HIS B 37 16.69 23.40 4.57
N THR B 38 16.14 22.32 4.05
CA THR B 38 15.68 21.24 4.91
C THR B 38 16.86 20.28 5.07
N PRO B 39 17.14 19.83 6.30
CA PRO B 39 18.26 18.91 6.48
C PRO B 39 18.02 17.60 5.73
N LEU B 40 19.05 17.10 5.06
CA LEU B 40 18.93 15.87 4.31
C LEU B 40 18.65 14.68 5.21
N SER B 41 18.89 14.87 6.51
CA SER B 41 18.64 13.80 7.46
C SER B 41 17.17 13.37 7.35
N LYS B 42 16.30 14.33 7.05
CA LYS B 42 14.87 14.06 6.91
C LYS B 42 14.60 13.23 5.66
N LEU B 43 15.35 13.50 4.59
CA LEU B 43 15.18 12.76 3.35
C LEU B 43 15.69 11.34 3.57
N MET B 44 16.83 11.22 4.22
CA MET B 44 17.40 9.91 4.49
C MET B 44 16.49 9.07 5.38
N LYS B 45 15.84 9.70 6.35
CA LYS B 45 14.95 8.95 7.22
C LYS B 45 13.69 8.51 6.45
N ALA B 46 13.15 9.40 5.62
CA ALA B 46 11.96 9.07 4.84
C ALA B 46 12.27 7.89 3.91
N TYR B 47 13.47 7.90 3.35
CA TYR B 47 13.89 6.83 2.45
C TYR B 47 13.94 5.50 3.18
N CYS B 48 14.61 5.48 4.32
CA CYS B 48 14.72 4.26 5.10
C CYS B 48 13.37 3.73 5.53
N GLU B 49 12.49 4.64 5.95
CA GLU B 49 11.15 4.24 6.39
C GLU B 49 10.34 3.62 5.26
N ARG B 50 10.28 4.29 4.11
CA ARG B 50 9.51 3.76 2.99
C ARG B 50 10.13 2.50 2.39
N GLN B 51 11.45 2.35 2.52
CA GLN B 51 12.12 1.17 1.98
C GLN B 51 12.13 0.06 3.03
N GLY B 52 11.72 0.40 4.25
CA GLY B 52 11.70 -0.57 5.33
C GLY B 52 13.11 -0.97 5.71
N LEU B 53 14.05 -0.03 5.59
CA LEU B 53 15.44 -0.28 5.93
C LEU B 53 15.83 0.42 7.23
N SER B 54 16.83 -0.12 7.91
CA SER B 54 17.30 0.48 9.15
C SER B 54 18.35 1.52 8.78
N MET B 55 18.30 2.68 9.43
CA MET B 55 19.27 3.73 9.13
C MET B 55 20.68 3.33 9.52
N ARG B 56 20.81 2.36 10.42
CA ARG B 56 22.12 1.91 10.87
C ARG B 56 22.93 1.27 9.75
N GLN B 57 22.29 0.44 8.93
CA GLN B 57 22.99 -0.23 7.84
C GLN B 57 22.82 0.39 6.46
N ILE B 58 22.78 1.72 6.40
CA ILE B 58 22.63 2.44 5.13
C ILE B 58 23.55 3.66 5.07
N ARG B 59 24.17 3.88 3.91
CA ARG B 59 25.03 5.05 3.74
C ARG B 59 24.68 5.79 2.45
N PHE B 60 24.48 7.10 2.59
CA PHE B 60 24.13 7.95 1.46
C PHE B 60 25.34 8.80 1.03
N ARG B 61 25.48 8.98 -0.28
CA ARG B 61 26.59 9.79 -0.80
C ARG B 61 26.13 10.66 -1.98
N PHE B 62 26.75 11.83 -2.09
CA PHE B 62 26.44 12.74 -3.19
C PHE B 62 27.76 13.30 -3.70
N ASP B 63 27.98 13.19 -5.01
CA ASP B 63 29.24 13.66 -5.59
C ASP B 63 30.43 13.00 -4.92
N GLY B 64 30.31 11.70 -4.67
CA GLY B 64 31.41 10.98 -4.04
C GLY B 64 31.75 11.41 -2.62
N GLN B 65 30.83 12.09 -1.95
CA GLN B 65 31.08 12.55 -0.58
C GLN B 65 29.95 12.07 0.34
N PRO B 66 30.31 11.59 1.55
CA PRO B 66 29.26 11.12 2.46
C PRO B 66 28.36 12.28 2.89
N ILE B 67 27.07 12.00 3.06
CA ILE B 67 26.12 13.03 3.48
C ILE B 67 25.94 12.95 5.00
N ASN B 68 26.34 13.99 5.71
CA ASN B 68 26.20 13.98 7.16
C ASN B 68 24.76 14.32 7.52
N GLU B 69 24.43 14.22 8.80
CA GLU B 69 23.07 14.48 9.25
C GLU B 69 22.60 15.93 9.23
N THR B 70 23.52 16.88 9.16
CA THR B 70 23.10 18.28 9.17
C THR B 70 23.12 19.00 7.82
N ASP B 71 23.67 18.38 6.79
CA ASP B 71 23.73 19.00 5.48
C ASP B 71 22.34 19.26 4.91
N THR B 72 22.23 20.30 4.10
CA THR B 72 20.98 20.66 3.43
C THR B 72 21.31 20.75 1.95
N PRO B 73 20.30 20.63 1.08
CA PRO B 73 20.58 20.72 -0.36
C PRO B 73 21.35 22.00 -0.68
N ALA B 74 20.96 23.10 -0.06
CA ALA B 74 21.63 24.38 -0.29
C ALA B 74 23.10 24.29 0.09
N GLN B 75 23.37 23.81 1.30
CA GLN B 75 24.74 23.69 1.78
C GLN B 75 25.61 22.85 0.85
N LEU B 76 25.02 21.84 0.22
CA LEU B 76 25.75 20.99 -0.70
C LEU B 76 25.67 21.48 -2.14
N GLU B 77 25.08 22.65 -2.34
CA GLU B 77 24.94 23.23 -3.67
C GLU B 77 24.25 22.28 -4.66
N MET B 78 23.30 21.49 -4.16
CA MET B 78 22.58 20.56 -5.01
C MET B 78 21.62 21.32 -5.93
N GLU B 79 21.36 20.76 -7.09
CA GLU B 79 20.46 21.36 -8.06
C GLU B 79 19.27 20.45 -8.32
N ASP B 80 18.24 20.99 -8.96
CA ASP B 80 17.05 20.24 -9.28
C ASP B 80 17.41 18.97 -10.07
N GLU B 81 16.85 17.84 -9.64
CA GLU B 81 17.07 16.55 -10.29
C GLU B 81 18.44 15.90 -10.06
N ASP B 82 19.17 16.37 -9.05
CA ASP B 82 20.45 15.79 -8.71
C ASP B 82 20.15 14.39 -8.16
N THR B 83 21.13 13.50 -8.21
CA THR B 83 20.93 12.14 -7.73
C THR B 83 21.89 11.74 -6.60
N ILE B 84 21.32 11.13 -5.57
CA ILE B 84 22.06 10.67 -4.40
C ILE B 84 22.27 9.17 -4.51
N ASP B 85 23.48 8.71 -4.18
CA ASP B 85 23.80 7.29 -4.22
C ASP B 85 23.59 6.70 -2.83
N VAL B 86 23.00 5.50 -2.75
CA VAL B 86 22.78 4.87 -1.46
C VAL B 86 23.34 3.45 -1.48
N PHE B 87 24.05 3.08 -0.42
CA PHE B 87 24.65 1.75 -0.31
C PHE B 87 24.21 1.03 0.96
N GLN B 88 23.85 -0.24 0.83
CA GLN B 88 23.42 -1.02 1.98
C GLN B 88 24.59 -1.75 2.60
N GLN B 89 25.03 -1.26 3.75
CA GLN B 89 26.15 -1.85 4.47
C GLN B 89 25.76 -3.19 5.09
N GLN B 90 25.40 -4.14 4.23
CA GLN B 90 24.99 -5.47 4.69
C GLN B 90 26.12 -6.46 4.44
#